data_5MU7
#
_entry.id   5MU7
#
_cell.length_a   137.591
_cell.length_b   177.472
_cell.length_c   62.722
_cell.angle_alpha   90.00
_cell.angle_beta   90.00
_cell.angle_gamma   90.00
#
_symmetry.space_group_name_H-M   'C 2 2 21'
#
loop_
_entity.id
_entity.type
_entity.pdbx_description
1 polymer 'Coatomer subunit beta'
2 polymer 'Coatomer subunit delta-like protein'
3 water water
#
loop_
_entity_poly.entity_id
_entity_poly.type
_entity_poly.pdbx_seq_one_letter_code
_entity_poly.pdbx_strand_id
1 'polypeptide(L)'
;TPTLQELKTQLEKGNDETKIETMKRILTIMLNGDPLHGLLMHIIRFVMPSKSKPLKKLLYFYYEICPKLDSQGKLKQEFI
LVCNGIRNDLQHPNEYIRGNTLRFLCKLREPELLEPLLSSVRACLEHRHAYVRKNAVFAVASIYQHAPSLIPDAADLIAT
FLEGESDPTCKRNGFAALSSISHDKALSYLGTVFEGIPNAEELLQLVEIEFIRKDALHNPQNKPRYLRLIFDLLEANTST
VVYEAASSLTALTNNPVAVKAAAGKFIELAIKEADNNVKLIVLDRVDQLRQKNEGILDDLIMEILRVLSSPDIDVRRKAL
EIALEMVSSKNVEEVVLLLKKELSKTVEQEYEKNSEYRQLLIHSIHQCAVKFS
;
A
2 'polypeptide(L)'
;MVVLAASICTRGGKAVLARAFHDIKRSRVEALLASFPKAANSGTQHTTVEQDNVRFVYQPLDELYMVLITNKQSNILQDI
DTLHLFAQVVTNTCRTLEEREILRNAYELISAFDEIINLGYRENLTINQIKTFLEMESHEERIQEIIARNKELEATEERK
RKAKQLEMQRKEASR
;
B
#
# COMPACT_ATOMS: atom_id res chain seq x y z
N PRO A 2 -22.27 -29.47 19.36
CA PRO A 2 -22.79 -28.22 18.80
C PRO A 2 -22.57 -28.21 17.31
N THR A 3 -22.23 -27.05 16.76
CA THR A 3 -21.94 -26.95 15.34
C THR A 3 -20.55 -27.50 15.03
N LEU A 4 -19.68 -27.51 16.04
CA LEU A 4 -18.34 -28.05 15.98
C LEU A 4 -18.36 -29.43 15.38
N GLN A 5 -19.19 -30.30 15.95
CA GLN A 5 -19.38 -31.65 15.52
C GLN A 5 -19.65 -31.73 14.02
N GLU A 6 -20.57 -30.92 13.55
CA GLU A 6 -20.87 -30.91 12.14
C GLU A 6 -19.60 -30.55 11.37
N LEU A 7 -18.88 -29.54 11.82
CA LEU A 7 -17.68 -29.21 11.12
C LEU A 7 -16.78 -30.42 11.15
N LYS A 8 -16.50 -30.90 12.35
CA LYS A 8 -15.62 -32.06 12.48
C LYS A 8 -16.00 -33.15 11.49
N THR A 9 -17.30 -33.42 11.35
CA THR A 9 -17.74 -34.46 10.43
C THR A 9 -17.43 -34.09 8.99
N GLN A 10 -17.55 -32.81 8.64
CA GLN A 10 -17.24 -32.38 7.29
C GLN A 10 -15.79 -32.68 6.94
N LEU A 11 -14.86 -32.38 7.85
CA LEU A 11 -13.46 -32.66 7.62
C LEU A 11 -13.19 -34.16 7.51
N GLU A 12 -13.86 -34.96 8.35
CA GLU A 12 -13.66 -36.40 8.32
C GLU A 12 -14.04 -36.99 6.96
N LYS A 13 -15.20 -36.63 6.45
CA LYS A 13 -15.76 -37.29 5.27
C LYS A 13 -15.58 -36.49 3.98
N GLY A 14 -15.02 -35.29 4.04
CA GLY A 14 -15.00 -34.45 2.85
C GLY A 14 -13.94 -34.84 1.84
N ASN A 15 -14.06 -34.24 0.66
CA ASN A 15 -12.99 -34.19 -0.33
C ASN A 15 -12.46 -32.76 -0.42
N ASP A 16 -11.49 -32.55 -1.32
CA ASP A 16 -10.88 -31.22 -1.47
C ASP A 16 -11.93 -30.16 -1.70
N GLU A 17 -12.86 -30.42 -2.64
CA GLU A 17 -13.84 -29.41 -2.99
C GLU A 17 -14.70 -29.03 -1.80
N THR A 18 -15.17 -30.03 -1.04
CA THR A 18 -16.04 -29.76 0.08
C THR A 18 -15.29 -29.16 1.25
N LYS A 19 -14.08 -29.66 1.51
CA LYS A 19 -13.30 -29.12 2.62
C LYS A 19 -13.01 -27.63 2.42
N ILE A 20 -12.89 -27.19 1.17
CA ILE A 20 -12.70 -25.77 0.91
C ILE A 20 -13.92 -24.99 1.39
N GLU A 21 -15.10 -25.55 1.25
CA GLU A 21 -16.29 -24.85 1.77
C GLU A 21 -16.35 -24.94 3.29
N THR A 22 -16.00 -26.09 3.85
CA THR A 22 -15.92 -26.20 5.30
C THR A 22 -14.89 -25.21 5.87
N MET A 23 -13.70 -25.16 5.30
CA MET A 23 -12.69 -24.26 5.83
C MET A 23 -13.17 -22.82 5.77
N LYS A 24 -13.90 -22.47 4.71
CA LYS A 24 -14.44 -21.12 4.60
C LYS A 24 -15.43 -20.82 5.72
N ARG A 25 -16.34 -21.75 6.00
CA ARG A 25 -17.24 -21.60 7.16
C ARG A 25 -16.45 -21.48 8.46
N ILE A 26 -15.46 -22.37 8.65
CA ILE A 26 -14.65 -22.33 9.86
C ILE A 26 -14.03 -20.96 10.07
N LEU A 27 -13.47 -20.40 8.99
CA LEU A 27 -12.83 -19.08 9.07
C LEU A 27 -13.83 -18.00 9.45
N THR A 28 -14.94 -17.95 8.72
CA THR A 28 -16.00 -16.97 8.97
C THR A 28 -16.51 -17.05 10.40
N ILE A 29 -16.78 -18.27 10.88
CA ILE A 29 -17.19 -18.47 12.27
C ILE A 29 -16.16 -17.86 13.21
N MET A 30 -14.89 -18.20 13.02
CA MET A 30 -13.87 -17.77 13.97
C MET A 30 -13.71 -16.26 13.97
N LEU A 31 -13.50 -15.66 12.80
CA LEU A 31 -13.36 -14.19 12.71
C LEU A 31 -14.52 -13.48 13.37
N ASN A 32 -15.74 -13.95 13.14
CA ASN A 32 -16.91 -13.28 13.70
C ASN A 32 -17.07 -13.50 15.20
N GLY A 33 -16.25 -14.36 15.82
CA GLY A 33 -16.33 -14.45 17.27
C GLY A 33 -15.91 -15.75 17.93
N ASP A 34 -16.53 -16.86 17.56
CA ASP A 34 -16.33 -18.11 18.29
C ASP A 34 -15.12 -18.87 17.74
N PRO A 35 -14.11 -19.17 18.57
CA PRO A 35 -13.04 -20.08 18.13
C PRO A 35 -13.49 -21.51 18.29
N LEU A 36 -13.27 -22.32 17.26
CA LEU A 36 -13.71 -23.71 17.29
C LEU A 36 -12.52 -24.55 17.78
N HIS A 37 -12.51 -24.84 19.07
CA HIS A 37 -11.27 -25.32 19.70
C HIS A 37 -10.93 -26.75 19.31
N GLY A 38 -11.87 -27.67 19.45
CA GLY A 38 -11.61 -29.05 19.10
C GLY A 38 -11.27 -29.32 17.65
N LEU A 39 -11.14 -28.26 16.85
CA LEU A 39 -10.95 -28.42 15.41
C LEU A 39 -9.50 -28.58 15.00
N LEU A 40 -8.56 -28.03 15.78
CA LEU A 40 -7.17 -27.96 15.31
C LEU A 40 -6.69 -29.31 14.81
N MET A 41 -6.91 -30.35 15.59
CA MET A 41 -6.39 -31.66 15.23
C MET A 41 -7.12 -32.23 14.03
N HIS A 42 -8.41 -31.92 13.85
CA HIS A 42 -9.09 -32.35 12.63
C HIS A 42 -8.50 -31.66 11.41
N ILE A 43 -8.21 -30.36 11.53
CA ILE A 43 -7.64 -29.65 10.40
C ILE A 43 -6.28 -30.21 10.05
N ILE A 44 -5.49 -30.55 11.07
CA ILE A 44 -4.18 -31.15 10.83
C ILE A 44 -4.33 -32.50 10.14
N ARG A 45 -5.41 -33.22 10.44
CA ARG A 45 -5.54 -34.57 9.91
C ARG A 45 -6.15 -34.60 8.51
N PHE A 46 -7.11 -33.73 8.21
CA PHE A 46 -7.87 -33.88 6.97
C PHE A 46 -7.69 -32.73 5.99
N VAL A 47 -7.07 -31.63 6.40
CA VAL A 47 -6.84 -30.49 5.52
C VAL A 47 -5.36 -30.35 5.16
N MET A 48 -4.47 -30.38 6.15
CA MET A 48 -3.06 -30.12 5.87
C MET A 48 -2.42 -31.10 4.87
N PRO A 49 -2.65 -32.42 4.95
CA PRO A 49 -2.01 -33.31 3.96
C PRO A 49 -2.62 -33.21 2.58
N SER A 50 -3.58 -32.31 2.37
CA SER A 50 -4.20 -32.19 1.05
C SER A 50 -3.22 -31.53 0.07
N LYS A 51 -3.47 -31.79 -1.21
CA LYS A 51 -2.68 -31.28 -2.31
C LYS A 51 -3.32 -30.09 -2.99
N SER A 52 -4.55 -29.73 -2.61
CA SER A 52 -5.28 -28.64 -3.25
C SER A 52 -4.68 -27.29 -2.85
N LYS A 53 -4.10 -26.59 -3.81
CA LYS A 53 -3.54 -25.27 -3.50
C LYS A 53 -4.58 -24.31 -2.95
N PRO A 54 -5.76 -24.18 -3.55
CA PRO A 54 -6.76 -23.28 -2.94
C PRO A 54 -7.07 -23.62 -1.50
N LEU A 55 -7.19 -24.91 -1.17
CA LEU A 55 -7.43 -25.31 0.22
C LEU A 55 -6.26 -24.91 1.11
N LYS A 56 -5.04 -25.04 0.60
CA LYS A 56 -3.86 -24.72 1.40
C LYS A 56 -3.86 -23.25 1.83
N LYS A 57 -4.41 -22.36 1.00
CA LYS A 57 -4.44 -20.95 1.38
C LYS A 57 -5.44 -20.70 2.50
N LEU A 58 -6.56 -21.42 2.49
CA LEU A 58 -7.48 -21.36 3.62
C LEU A 58 -6.81 -21.87 4.89
N LEU A 59 -6.01 -22.95 4.77
CA LEU A 59 -5.26 -23.48 5.91
C LEU A 59 -4.41 -22.41 6.59
N TYR A 60 -3.58 -21.70 5.80
CA TYR A 60 -2.71 -20.70 6.38
C TYR A 60 -3.50 -19.52 6.95
N PHE A 61 -4.63 -19.19 6.35
CA PHE A 61 -5.54 -18.21 6.93
C PHE A 61 -5.99 -18.64 8.33
N TYR A 62 -6.37 -19.91 8.47
CA TYR A 62 -6.68 -20.48 9.78
C TYR A 62 -5.47 -20.42 10.72
N TYR A 63 -4.28 -20.78 10.21
CA TYR A 63 -3.08 -20.70 11.03
C TYR A 63 -2.86 -19.29 11.58
N GLU A 64 -3.20 -18.27 10.80
CA GLU A 64 -3.06 -16.89 11.26
C GLU A 64 -3.92 -16.62 12.50
N ILE A 65 -5.15 -17.16 12.54
CA ILE A 65 -6.07 -16.74 13.59
C ILE A 65 -6.24 -17.72 14.74
N CYS A 66 -5.89 -19.00 14.57
CA CYS A 66 -6.13 -19.94 15.66
C CYS A 66 -5.18 -19.67 16.82
N PRO A 67 -5.62 -19.92 18.04
CA PRO A 67 -4.75 -19.71 19.22
C PRO A 67 -3.58 -20.68 19.25
N LYS A 68 -2.39 -20.14 19.46
CA LYS A 68 -1.17 -20.93 19.53
C LYS A 68 -0.86 -21.46 20.93
N LEU A 69 -1.33 -20.78 21.99
CA LEU A 69 -0.92 -21.07 23.36
C LEU A 69 -2.05 -21.70 24.15
N ASP A 70 -1.70 -22.60 25.05
CA ASP A 70 -2.69 -23.26 25.89
C ASP A 70 -3.06 -22.40 27.09
N SER A 71 -3.49 -23.06 28.17
CA SER A 71 -3.92 -22.32 29.36
C SER A 71 -2.74 -21.80 30.17
N GLN A 72 -1.59 -22.47 30.08
CA GLN A 72 -0.39 -22.10 30.84
C GLN A 72 0.65 -21.38 29.99
N GLY A 73 0.21 -20.58 29.02
CA GLY A 73 1.14 -19.79 28.21
C GLY A 73 2.22 -20.58 27.50
N LYS A 74 1.95 -21.84 27.16
CA LYS A 74 2.93 -22.69 26.51
C LYS A 74 2.36 -23.15 25.18
N LEU A 75 3.20 -23.13 24.15
CA LEU A 75 2.76 -23.45 22.78
C LEU A 75 2.09 -24.83 22.72
N LYS A 76 0.97 -24.90 22.01
CA LYS A 76 0.25 -26.16 21.90
C LYS A 76 1.07 -27.20 21.14
N GLN A 77 0.95 -28.46 21.57
CA GLN A 77 1.80 -29.53 21.05
C GLN A 77 1.53 -29.83 19.58
N GLU A 78 0.27 -29.66 19.15
CA GLU A 78 -0.08 -29.93 17.76
C GLU A 78 0.82 -29.16 16.79
N PHE A 79 1.31 -28.00 17.20
CA PHE A 79 2.04 -27.16 16.25
C PHE A 79 3.43 -27.72 15.93
N ILE A 80 3.90 -28.75 16.62
CA ILE A 80 5.03 -29.51 16.11
C ILE A 80 4.67 -30.10 14.75
N LEU A 81 3.49 -30.71 14.66
CA LEU A 81 3.03 -31.24 13.38
C LEU A 81 2.80 -30.14 12.36
N VAL A 82 2.31 -28.97 12.80
CA VAL A 82 2.10 -27.87 11.86
C VAL A 82 3.40 -27.46 11.21
N CYS A 83 4.51 -27.49 11.97
CA CYS A 83 5.79 -27.00 11.48
C CYS A 83 6.36 -27.89 10.39
N ASN A 84 6.25 -29.20 10.55
CA ASN A 84 6.57 -30.10 9.44
C ASN A 84 5.77 -29.72 8.20
N GLY A 85 4.51 -29.35 8.36
CA GLY A 85 3.73 -28.89 7.21
C GLY A 85 4.27 -27.62 6.59
N ILE A 86 4.58 -26.63 7.43
CA ILE A 86 5.09 -25.36 6.93
C ILE A 86 6.46 -25.54 6.30
N ARG A 87 7.34 -26.35 6.92
CA ARG A 87 8.67 -26.58 6.38
C ARG A 87 8.60 -27.30 5.03
N ASN A 88 7.58 -28.13 4.82
CA ASN A 88 7.40 -28.73 3.50
C ASN A 88 6.97 -27.68 2.49
N ASP A 89 6.05 -26.81 2.89
CA ASP A 89 5.59 -25.75 1.99
C ASP A 89 6.69 -24.76 1.69
N LEU A 90 7.65 -24.63 2.60
CA LEU A 90 8.80 -23.76 2.36
C LEU A 90 9.75 -24.37 1.37
N GLN A 91 9.53 -25.63 1.00
CA GLN A 91 10.41 -26.36 0.10
C GLN A 91 9.66 -26.87 -1.12
N HIS A 92 8.52 -26.26 -1.43
CA HIS A 92 7.63 -26.79 -2.44
C HIS A 92 8.19 -26.53 -3.84
N PRO A 93 7.92 -27.44 -4.79
CA PRO A 93 8.23 -27.12 -6.20
C PRO A 93 7.51 -25.88 -6.69
N ASN A 94 6.31 -25.62 -6.20
CA ASN A 94 5.55 -24.45 -6.63
C ASN A 94 6.12 -23.19 -5.99
N GLU A 95 6.55 -22.26 -6.79
CA GLU A 95 7.14 -21.04 -6.28
C GLU A 95 6.14 -20.27 -5.47
N TYR A 96 4.92 -20.25 -5.94
CA TYR A 96 3.86 -19.53 -5.29
C TYR A 96 3.58 -20.05 -3.88
N ILE A 97 3.62 -21.35 -3.69
CA ILE A 97 3.37 -21.89 -2.37
C ILE A 97 4.44 -21.39 -1.43
N ARG A 98 5.69 -21.49 -1.83
CA ARG A 98 6.78 -20.92 -1.06
C ARG A 98 6.53 -19.43 -0.74
N GLY A 99 6.19 -18.65 -1.78
CA GLY A 99 5.95 -17.24 -1.55
C GLY A 99 4.81 -17.01 -0.58
N ASN A 100 3.72 -17.75 -0.75
CA ASN A 100 2.60 -17.61 0.18
C ASN A 100 2.98 -18.05 1.58
N THR A 101 3.79 -19.10 1.71
CA THR A 101 4.21 -19.52 3.04
C THR A 101 5.11 -18.48 3.68
N LEU A 102 6.02 -17.89 2.89
CA LEU A 102 6.90 -16.86 3.40
C LEU A 102 6.11 -15.62 3.84
N ARG A 103 5.08 -15.23 3.08
CA ARG A 103 4.26 -14.11 3.54
C ARG A 103 3.70 -14.41 4.91
N PHE A 104 3.23 -15.64 5.11
CA PHE A 104 2.68 -16.05 6.39
C PHE A 104 3.71 -15.93 7.51
N LEU A 105 4.95 -16.37 7.28
CA LEU A 105 5.93 -16.28 8.34
C LEU A 105 6.14 -14.85 8.81
N CYS A 106 5.94 -13.87 7.92
CA CYS A 106 6.03 -12.47 8.37
C CYS A 106 5.03 -12.17 9.47
N LYS A 107 3.98 -12.99 9.61
CA LYS A 107 2.99 -12.77 10.64
C LYS A 107 3.22 -13.62 11.89
N LEU A 108 3.97 -14.71 11.79
CA LEU A 108 4.24 -15.57 12.93
C LEU A 108 5.04 -14.84 13.99
N ARG A 109 4.64 -15.02 15.24
CA ARG A 109 5.33 -14.37 16.34
C ARG A 109 5.98 -15.35 17.31
N GLU A 110 5.49 -16.57 17.40
CA GLU A 110 6.01 -17.54 18.36
C GLU A 110 7.36 -18.07 17.89
N PRO A 111 8.44 -17.74 18.61
CA PRO A 111 9.77 -18.29 18.28
C PRO A 111 9.83 -19.81 18.20
N GLU A 112 9.08 -20.54 19.04
CA GLU A 112 9.13 -21.99 18.98
C GLU A 112 8.59 -22.52 17.66
N LEU A 113 7.79 -21.73 16.93
CA LEU A 113 7.37 -22.12 15.58
C LEU A 113 8.37 -21.69 14.52
N LEU A 114 9.04 -20.56 14.75
CA LEU A 114 9.95 -20.05 13.73
C LEU A 114 11.25 -20.84 13.71
N GLU A 115 11.74 -21.21 14.88
CA GLU A 115 13.03 -21.90 15.01
C GLU A 115 13.19 -23.11 14.09
N PRO A 116 12.26 -24.05 14.01
CA PRO A 116 12.49 -25.22 13.14
C PRO A 116 12.34 -24.91 11.65
N LEU A 117 11.99 -23.68 11.28
CA LEU A 117 11.80 -23.31 9.89
C LEU A 117 12.95 -22.46 9.33
N LEU A 118 13.91 -22.08 10.17
CA LEU A 118 14.87 -21.04 9.81
C LEU A 118 15.73 -21.46 8.63
N SER A 119 16.25 -22.68 8.66
CA SER A 119 17.11 -23.11 7.56
C SER A 119 16.35 -23.03 6.24
N SER A 120 15.10 -23.50 6.20
CA SER A 120 14.32 -23.41 4.97
C SER A 120 14.12 -21.97 4.52
N VAL A 121 13.77 -21.07 5.45
CA VAL A 121 13.61 -19.67 5.09
C VAL A 121 14.90 -19.11 4.51
N ARG A 122 16.01 -19.36 5.20
CA ARG A 122 17.29 -18.81 4.75
C ARG A 122 17.60 -19.29 3.36
N ALA A 123 17.31 -20.57 3.08
CA ALA A 123 17.56 -21.12 1.75
C ALA A 123 16.77 -20.36 0.69
N CYS A 124 15.55 -19.94 1.00
CA CYS A 124 14.72 -19.29 0.00
C CYS A 124 15.33 -17.99 -0.53
N LEU A 125 16.23 -17.36 0.24
CA LEU A 125 16.89 -16.14 -0.23
C LEU A 125 17.64 -16.36 -1.53
N GLU A 126 17.99 -17.61 -1.85
CA GLU A 126 18.80 -17.88 -3.04
C GLU A 126 18.03 -18.72 -4.05
N HIS A 127 16.71 -18.71 -3.94
CA HIS A 127 15.86 -19.35 -4.92
C HIS A 127 16.04 -18.70 -6.30
N ARG A 128 15.81 -19.49 -7.35
CA ARG A 128 15.94 -18.93 -8.68
C ARG A 128 14.84 -17.92 -8.99
N HIS A 129 13.66 -18.07 -8.38
CA HIS A 129 12.48 -17.33 -8.81
C HIS A 129 12.33 -16.07 -7.97
N ALA A 130 12.14 -14.92 -8.65
CA ALA A 130 12.00 -13.65 -7.94
C ALA A 130 10.77 -13.64 -7.02
N TYR A 131 9.69 -14.29 -7.44
CA TYR A 131 8.54 -14.44 -6.56
C TYR A 131 8.93 -15.03 -5.20
N VAL A 132 9.87 -15.98 -5.17
CA VAL A 132 10.29 -16.53 -3.88
C VAL A 132 11.22 -15.56 -3.17
N ARG A 133 12.23 -15.06 -3.89
CA ARG A 133 13.20 -14.14 -3.27
C ARG A 133 12.52 -12.90 -2.68
N LYS A 134 11.58 -12.28 -3.41
CA LYS A 134 10.98 -11.04 -2.94
C LYS A 134 10.25 -11.26 -1.61
N ASN A 135 9.69 -12.45 -1.39
CA ASN A 135 9.00 -12.72 -0.14
C ASN A 135 9.98 -13.15 0.96
N ALA A 136 11.02 -13.92 0.61
CA ALA A 136 11.95 -14.40 1.62
C ALA A 136 12.71 -13.25 2.30
N VAL A 137 13.08 -12.22 1.54
CA VAL A 137 13.88 -11.17 2.17
C VAL A 137 13.04 -10.38 3.19
N PHE A 138 11.75 -10.21 2.93
CA PHE A 138 10.85 -9.66 3.94
C PHE A 138 10.68 -10.60 5.13
N ALA A 139 10.51 -11.90 4.87
CA ALA A 139 10.41 -12.87 5.96
C ALA A 139 11.59 -12.75 6.91
N VAL A 140 12.81 -12.73 6.36
CA VAL A 140 14.01 -12.68 7.19
C VAL A 140 14.02 -11.40 8.04
N ALA A 141 13.70 -10.27 7.42
CA ALA A 141 13.69 -9.04 8.22
C ALA A 141 12.59 -9.09 9.26
N SER A 142 11.52 -9.81 8.98
CA SER A 142 10.40 -9.88 9.90
C SER A 142 10.76 -10.73 11.12
N ILE A 143 11.37 -11.91 10.89
CA ILE A 143 11.84 -12.74 11.99
C ILE A 143 12.76 -11.93 12.89
N TYR A 144 13.66 -11.15 12.30
CA TYR A 144 14.64 -10.44 13.10
C TYR A 144 14.00 -9.33 13.92
N GLN A 145 12.97 -8.69 13.36
CA GLN A 145 12.25 -7.66 14.11
C GLN A 145 11.54 -8.25 15.32
N HIS A 146 10.95 -9.43 15.16
CA HIS A 146 10.09 -9.97 16.20
C HIS A 146 10.80 -10.99 17.08
N ALA A 147 11.97 -11.47 16.67
CA ALA A 147 12.67 -12.51 17.41
C ALA A 147 14.15 -12.49 17.07
N PRO A 148 14.88 -11.43 17.45
CA PRO A 148 16.25 -11.24 16.95
C PRO A 148 17.19 -12.40 17.20
N SER A 149 17.02 -13.10 18.32
CA SER A 149 17.95 -14.18 18.64
C SER A 149 17.90 -15.34 17.65
N LEU A 150 16.81 -15.45 16.86
CA LEU A 150 16.72 -16.57 15.92
C LEU A 150 17.64 -16.38 14.73
N ILE A 151 17.93 -15.14 14.33
CA ILE A 151 18.77 -14.93 13.17
C ILE A 151 19.61 -13.66 13.38
N PRO A 152 20.62 -13.74 14.23
CA PRO A 152 21.40 -12.55 14.59
C PRO A 152 22.20 -11.98 13.43
N ASP A 153 22.33 -12.71 12.32
CA ASP A 153 23.08 -12.28 11.16
C ASP A 153 22.18 -11.80 10.02
N ALA A 154 20.95 -11.39 10.35
CA ALA A 154 19.96 -11.06 9.32
C ALA A 154 20.39 -9.86 8.49
N ALA A 155 20.95 -8.84 9.14
CA ALA A 155 21.36 -7.65 8.42
C ALA A 155 22.45 -8.00 7.40
N ASP A 156 23.36 -8.91 7.77
CA ASP A 156 24.38 -9.31 6.83
C ASP A 156 23.79 -10.11 5.68
N LEU A 157 22.85 -11.01 5.99
CA LEU A 157 22.19 -11.80 4.95
C LEU A 157 21.56 -10.90 3.90
N ILE A 158 20.78 -9.92 4.35
CA ILE A 158 20.04 -9.10 3.42
C ILE A 158 21.00 -8.25 2.58
N ALA A 159 21.99 -7.63 3.23
CA ALA A 159 23.05 -6.95 2.50
C ALA A 159 23.59 -7.82 1.38
N THR A 160 23.90 -9.08 1.69
CA THR A 160 24.44 -9.97 0.67
C THR A 160 23.45 -10.20 -0.45
N PHE A 161 22.24 -10.63 -0.11
CA PHE A 161 21.08 -10.68 -1.00
C PHE A 161 20.98 -9.45 -1.89
N LEU A 162 21.24 -8.28 -1.30
CA LEU A 162 21.11 -7.03 -2.02
C LEU A 162 22.25 -6.80 -3.00
N GLU A 163 23.45 -7.28 -2.69
CA GLU A 163 24.57 -6.98 -3.55
C GLU A 163 24.46 -7.73 -4.88
N GLY A 164 23.77 -8.86 -4.90
CA GLY A 164 23.74 -9.66 -6.10
C GLY A 164 22.42 -9.68 -6.81
N GLU A 165 21.43 -8.97 -6.25
CA GLU A 165 20.07 -9.06 -6.74
C GLU A 165 19.89 -8.29 -8.04
N SER A 166 19.11 -8.85 -8.95
CA SER A 166 18.82 -8.18 -10.22
C SER A 166 17.35 -7.80 -10.37
N ASP A 167 16.43 -8.55 -9.76
CA ASP A 167 15.00 -8.27 -9.89
C ASP A 167 14.67 -6.95 -9.20
N PRO A 168 14.13 -5.99 -9.93
CA PRO A 168 13.79 -4.70 -9.29
C PRO A 168 12.92 -4.85 -8.04
N THR A 169 11.89 -5.71 -8.07
CA THR A 169 11.03 -5.87 -6.90
C THR A 169 11.81 -6.46 -5.72
N CYS A 170 12.70 -7.43 -5.98
CA CYS A 170 13.55 -7.92 -4.92
C CYS A 170 14.51 -6.83 -4.42
N LYS A 171 15.02 -5.98 -5.33
CA LYS A 171 15.88 -4.89 -4.89
C LYS A 171 15.14 -3.93 -3.96
N ARG A 172 13.91 -3.55 -4.33
CA ARG A 172 13.12 -2.68 -3.46
C ARG A 172 12.89 -3.33 -2.10
N ASN A 173 12.35 -4.55 -2.11
CA ASN A 173 12.10 -5.24 -0.84
C ASN A 173 13.39 -5.39 -0.03
N GLY A 174 14.49 -5.78 -0.69
CA GLY A 174 15.76 -5.92 0.00
C GLY A 174 16.18 -4.65 0.73
N PHE A 175 16.11 -3.50 0.05
CA PHE A 175 16.52 -2.26 0.70
C PHE A 175 15.59 -1.88 1.83
N ALA A 176 14.28 -2.02 1.62
CA ALA A 176 13.33 -1.77 2.69
C ALA A 176 13.60 -2.66 3.90
N ALA A 177 13.85 -3.95 3.66
CA ALA A 177 14.13 -4.88 4.75
C ALA A 177 15.44 -4.53 5.46
N LEU A 178 16.50 -4.23 4.68
CA LEU A 178 17.78 -3.93 5.30
C LEU A 178 17.66 -2.73 6.23
N SER A 179 17.07 -1.65 5.73
CA SER A 179 17.00 -0.44 6.54
C SER A 179 16.07 -0.58 7.73
N SER A 180 15.10 -1.49 7.67
CA SER A 180 14.21 -1.68 8.81
C SER A 180 14.89 -2.38 9.98
N ILE A 181 16.04 -3.01 9.74
CA ILE A 181 16.78 -3.68 10.81
C ILE A 181 18.20 -3.18 10.97
N SER A 182 18.77 -2.44 10.00
CA SER A 182 20.17 -2.01 10.16
C SER A 182 20.38 -0.70 9.39
N HIS A 183 20.24 0.42 10.10
CA HIS A 183 20.46 1.72 9.46
C HIS A 183 21.84 1.77 8.81
N ASP A 184 22.88 1.42 9.55
CA ASP A 184 24.25 1.55 9.06
C ASP A 184 24.45 0.78 7.76
N LYS A 185 24.06 -0.50 7.71
CA LYS A 185 24.32 -1.30 6.52
C LYS A 185 23.47 -0.86 5.33
N ALA A 186 22.24 -0.40 5.57
CA ALA A 186 21.48 0.23 4.49
C ALA A 186 22.18 1.50 4.00
N LEU A 187 22.79 2.24 4.93
CA LEU A 187 23.53 3.43 4.56
C LEU A 187 24.69 3.09 3.64
N SER A 188 25.54 2.14 4.05
CA SER A 188 26.64 1.70 3.21
C SER A 188 26.15 1.30 1.83
N TYR A 189 25.07 0.52 1.79
CA TYR A 189 24.52 0.11 0.51
C TYR A 189 24.14 1.32 -0.32
N LEU A 190 23.41 2.26 0.30
CA LEU A 190 23.04 3.49 -0.38
C LEU A 190 24.24 4.21 -0.95
N GLY A 191 25.37 4.18 -0.23
CA GLY A 191 26.55 4.89 -0.70
C GLY A 191 27.09 4.31 -1.98
N THR A 192 27.12 2.98 -2.07
CA THR A 192 27.60 2.31 -3.27
C THR A 192 26.71 2.56 -4.49
N VAL A 193 25.44 2.88 -4.30
CA VAL A 193 24.50 3.07 -5.41
C VAL A 193 24.09 4.52 -5.57
N PHE A 194 24.73 5.44 -4.87
CA PHE A 194 24.18 6.78 -4.74
C PHE A 194 24.11 7.51 -6.07
N GLU A 195 25.08 7.27 -6.95
CA GLU A 195 25.15 8.03 -8.19
C GLU A 195 24.09 7.59 -9.19
N GLY A 196 23.61 6.36 -9.07
CA GLY A 196 22.60 5.83 -9.98
C GLY A 196 21.17 5.96 -9.52
N ILE A 197 20.93 6.53 -8.33
CA ILE A 197 19.56 6.70 -7.85
C ILE A 197 18.68 7.45 -8.85
N PRO A 198 19.16 8.48 -9.56
CA PRO A 198 18.30 9.15 -10.54
C PRO A 198 17.77 8.24 -11.64
N ASN A 199 18.42 7.12 -11.94
CA ASN A 199 17.90 6.21 -12.94
C ASN A 199 17.43 4.89 -12.34
N ALA A 200 17.38 4.81 -11.02
CA ALA A 200 16.78 3.67 -10.36
C ALA A 200 15.27 3.61 -10.66
N GLU A 201 14.73 2.42 -10.54
CA GLU A 201 13.30 2.23 -10.76
C GLU A 201 12.48 2.93 -9.67
N GLU A 202 11.26 3.33 -10.05
CA GLU A 202 10.36 4.09 -9.18
C GLU A 202 10.28 3.52 -7.76
N LEU A 203 9.93 2.23 -7.63
CA LEU A 203 9.67 1.70 -6.30
C LEU A 203 10.89 1.84 -5.43
N LEU A 204 12.06 1.47 -5.97
CA LEU A 204 13.29 1.58 -5.21
C LEU A 204 13.62 3.04 -4.92
N GLN A 205 13.36 3.92 -5.90
CA GLN A 205 13.55 5.35 -5.68
C GLN A 205 12.74 5.83 -4.48
N LEU A 206 11.48 5.38 -4.36
CA LEU A 206 10.63 5.83 -3.25
C LEU A 206 11.23 5.46 -1.89
N VAL A 207 11.66 4.21 -1.72
CA VAL A 207 12.22 3.82 -0.41
C VAL A 207 13.59 4.45 -0.22
N GLU A 208 14.36 4.63 -1.30
CA GLU A 208 15.63 5.33 -1.16
C GLU A 208 15.42 6.75 -0.65
N ILE A 209 14.35 7.42 -1.11
CA ILE A 209 14.04 8.76 -0.60
C ILE A 209 13.64 8.68 0.86
N GLU A 210 12.76 7.73 1.18
CA GLU A 210 12.32 7.47 2.56
C GLU A 210 13.52 7.39 3.51
N PHE A 211 14.54 6.63 3.11
CA PHE A 211 15.71 6.42 3.95
C PHE A 211 16.54 7.69 4.10
N ILE A 212 16.60 8.48 3.02
CA ILE A 212 17.42 9.69 3.01
C ILE A 212 16.88 10.69 4.02
N ARG A 213 15.56 10.76 4.18
CA ARG A 213 15.00 11.62 5.22
C ARG A 213 15.44 11.15 6.58
N LYS A 214 15.43 9.83 6.81
CA LYS A 214 15.87 9.30 8.09
C LYS A 214 17.33 9.65 8.36
N ASP A 215 18.19 9.49 7.34
CA ASP A 215 19.60 9.67 7.60
C ASP A 215 19.98 11.15 7.66
N ALA A 216 19.19 12.02 7.02
CA ALA A 216 19.45 13.45 7.12
C ALA A 216 19.37 13.92 8.57
N LEU A 217 18.58 13.26 9.40
CA LEU A 217 18.50 13.62 10.81
C LEU A 217 19.58 12.94 11.65
N HIS A 218 19.85 11.65 11.40
CA HIS A 218 20.87 10.96 12.18
C HIS A 218 22.29 11.41 11.82
N ASN A 219 22.51 11.76 10.56
CA ASN A 219 23.83 12.19 10.07
C ASN A 219 23.68 13.46 9.23
N PRO A 220 23.55 14.62 9.89
CA PRO A 220 23.28 15.85 9.13
C PRO A 220 24.38 16.25 8.16
N GLN A 221 25.58 15.66 8.28
CA GLN A 221 26.65 16.00 7.35
C GLN A 221 26.42 15.42 5.95
N ASN A 222 25.51 14.47 5.80
CA ASN A 222 25.13 14.00 4.49
C ASN A 222 23.99 14.80 3.87
N LYS A 223 23.40 15.72 4.64
CA LYS A 223 22.21 16.43 4.17
C LYS A 223 22.44 17.20 2.86
N PRO A 224 23.57 17.90 2.64
CA PRO A 224 23.73 18.61 1.36
C PRO A 224 23.77 17.69 0.16
N ARG A 225 24.48 16.58 0.26
CA ARG A 225 24.48 15.60 -0.83
C ARG A 225 23.08 15.04 -1.06
N TYR A 226 22.32 14.84 0.02
CA TYR A 226 20.94 14.42 -0.13
C TYR A 226 20.11 15.50 -0.82
N LEU A 227 20.34 16.76 -0.48
CA LEU A 227 19.56 17.83 -1.09
C LEU A 227 19.79 17.95 -2.58
N ARG A 228 21.03 17.82 -2.99
CA ARG A 228 21.34 17.90 -4.39
C ARG A 228 20.65 16.77 -5.12
N LEU A 229 20.72 15.58 -4.56
CA LEU A 229 20.08 14.42 -5.15
C LEU A 229 18.59 14.61 -5.22
N ILE A 230 18.01 15.15 -4.17
CA ILE A 230 16.59 15.36 -4.17
C ILE A 230 16.16 16.34 -5.24
N PHE A 231 16.94 17.39 -5.46
CA PHE A 231 16.59 18.36 -6.48
C PHE A 231 16.54 17.66 -7.81
N ASP A 232 17.49 16.80 -8.04
CA ASP A 232 17.51 16.05 -9.29
C ASP A 232 16.26 15.17 -9.42
N LEU A 233 15.81 14.58 -8.32
CA LEU A 233 14.62 13.74 -8.38
C LEU A 233 13.36 14.53 -8.66
N LEU A 234 13.37 15.85 -8.55
CA LEU A 234 12.22 16.61 -8.99
C LEU A 234 11.89 16.33 -10.44
N GLU A 235 12.88 15.96 -11.24
CA GLU A 235 12.69 15.62 -12.65
C GLU A 235 12.54 14.12 -12.90
N ALA A 236 12.01 13.37 -11.93
CA ALA A 236 11.85 11.94 -12.15
C ALA A 236 10.68 11.65 -13.10
N ASN A 237 10.70 10.45 -13.67
CA ASN A 237 9.75 10.12 -14.74
C ASN A 237 8.38 9.72 -14.22
N THR A 238 8.27 9.16 -13.01
CA THR A 238 6.97 8.92 -12.42
C THR A 238 6.52 10.07 -11.52
N SER A 239 5.21 10.30 -11.53
CA SER A 239 4.62 11.32 -10.67
C SER A 239 4.70 10.96 -9.19
N THR A 240 4.72 9.67 -8.84
CA THR A 240 4.89 9.32 -7.42
C THR A 240 6.24 9.81 -6.90
N VAL A 241 7.31 9.56 -7.66
CA VAL A 241 8.64 9.95 -7.21
C VAL A 241 8.76 11.48 -7.17
N VAL A 242 8.26 12.17 -8.20
CA VAL A 242 8.30 13.63 -8.17
C VAL A 242 7.55 14.14 -6.95
N TYR A 243 6.36 13.60 -6.69
CA TYR A 243 5.63 13.98 -5.50
C TYR A 243 6.45 13.72 -4.25
N GLU A 244 7.11 12.57 -4.19
CA GLU A 244 7.88 12.20 -3.02
C GLU A 244 9.10 13.11 -2.86
N ALA A 245 9.73 13.49 -3.99
CA ALA A 245 10.88 14.37 -3.91
C ALA A 245 10.46 15.77 -3.42
N ALA A 246 9.35 16.29 -3.94
CA ALA A 246 8.88 17.61 -3.52
C ALA A 246 8.44 17.62 -2.05
N SER A 247 7.76 16.57 -1.58
CA SER A 247 7.39 16.52 -0.17
C SER A 247 8.63 16.48 0.72
N SER A 248 9.65 15.73 0.30
CA SER A 248 10.86 15.61 1.11
C SER A 248 11.68 16.90 1.09
N LEU A 249 11.82 17.54 -0.07
CA LEU A 249 12.66 18.72 -0.18
C LEU A 249 12.23 19.81 0.81
N THR A 250 10.92 20.07 0.91
CA THR A 250 10.40 21.03 1.89
C THR A 250 10.64 20.54 3.30
N ALA A 251 10.63 19.22 3.50
CA ALA A 251 10.86 18.63 4.81
C ALA A 251 12.30 18.79 5.28
N LEU A 252 13.23 19.06 4.35
CA LEU A 252 14.64 19.13 4.69
C LEU A 252 15.18 20.56 4.73
N THR A 253 14.49 21.52 4.11
CA THR A 253 15.00 22.88 4.12
C THR A 253 13.90 23.90 3.82
N ASN A 254 13.93 24.99 4.56
CA ASN A 254 13.13 26.21 4.43
C ASN A 254 13.60 27.10 3.29
N ASN A 255 14.57 26.65 2.49
CA ASN A 255 15.17 27.50 1.47
C ASN A 255 14.10 27.91 0.45
N PRO A 256 13.98 29.20 0.15
CA PRO A 256 12.97 29.61 -0.85
C PRO A 256 13.21 28.99 -2.21
N VAL A 257 14.45 28.93 -2.68
CA VAL A 257 14.74 28.29 -3.97
C VAL A 257 14.16 26.89 -4.00
N ALA A 258 14.41 26.12 -2.94
CA ALA A 258 13.85 24.78 -2.83
C ALA A 258 12.32 24.83 -2.72
N VAL A 259 11.81 25.74 -1.91
CA VAL A 259 10.36 25.83 -1.70
C VAL A 259 9.65 26.12 -3.02
N LYS A 260 10.07 27.19 -3.69
CA LYS A 260 9.52 27.54 -5.01
C LYS A 260 9.64 26.38 -5.98
N ALA A 261 10.78 25.67 -5.95
CA ALA A 261 10.98 24.53 -6.82
C ALA A 261 9.96 23.43 -6.54
N ALA A 262 9.84 23.03 -5.27
CA ALA A 262 8.85 22.02 -4.92
C ALA A 262 7.44 22.48 -5.28
N ALA A 263 7.12 23.74 -4.97
CA ALA A 263 5.81 24.30 -5.32
C ALA A 263 5.53 24.10 -6.80
N GLY A 264 6.48 24.49 -7.64
CA GLY A 264 6.29 24.36 -9.08
C GLY A 264 6.04 22.93 -9.52
N LYS A 265 6.76 21.99 -8.95
CA LYS A 265 6.47 20.59 -9.26
C LYS A 265 5.06 20.21 -8.81
N PHE A 266 4.63 20.67 -7.63
CA PHE A 266 3.26 20.40 -7.23
C PHE A 266 2.26 20.96 -8.25
N ILE A 267 2.50 22.18 -8.71
CA ILE A 267 1.61 22.79 -9.69
C ILE A 267 1.64 21.99 -10.99
N GLU A 268 2.84 21.57 -11.42
CA GLU A 268 2.92 20.72 -12.59
C GLU A 268 2.07 19.47 -12.42
N LEU A 269 2.08 18.86 -11.23
CA LEU A 269 1.23 17.70 -11.00
C LEU A 269 -0.25 18.07 -11.10
N ALA A 270 -0.65 19.20 -10.50
CA ALA A 270 -2.06 19.60 -10.57
C ALA A 270 -2.50 19.76 -12.02
N ILE A 271 -1.59 20.19 -12.89
CA ILE A 271 -1.90 20.32 -14.30
C ILE A 271 -1.86 18.96 -15.01
N LYS A 272 -0.81 18.16 -14.76
CA LYS A 272 -0.58 16.94 -15.52
C LYS A 272 -1.58 15.84 -15.17
N GLU A 273 -1.86 15.65 -13.88
CA GLU A 273 -2.57 14.47 -13.43
C GLU A 273 -4.07 14.59 -13.70
N ALA A 274 -4.67 13.50 -14.17
CA ALA A 274 -6.06 13.52 -14.57
C ALA A 274 -7.01 13.46 -13.39
N ASP A 275 -6.66 12.70 -12.35
CA ASP A 275 -7.53 12.55 -11.20
C ASP A 275 -7.72 13.89 -10.46
N ASN A 276 -8.96 14.36 -10.42
CA ASN A 276 -9.26 15.65 -9.79
C ASN A 276 -9.01 15.63 -8.29
N ASN A 277 -9.16 14.49 -7.63
CA ASN A 277 -8.83 14.43 -6.22
C ASN A 277 -7.33 14.57 -5.99
N VAL A 278 -6.52 14.11 -6.94
CA VAL A 278 -5.09 14.32 -6.86
C VAL A 278 -4.75 15.79 -7.07
N LYS A 279 -5.33 16.39 -8.12
CA LYS A 279 -5.25 17.84 -8.28
C LYS A 279 -5.56 18.57 -6.97
N LEU A 280 -6.65 18.18 -6.29
CA LEU A 280 -7.02 18.89 -5.06
C LEU A 280 -5.97 18.69 -3.98
N ILE A 281 -5.42 17.49 -3.91
CA ILE A 281 -4.43 17.20 -2.88
C ILE A 281 -3.15 18.00 -3.11
N VAL A 282 -2.61 17.99 -4.33
CA VAL A 282 -1.35 18.72 -4.54
C VAL A 282 -1.59 20.22 -4.46
N LEU A 283 -2.79 20.70 -4.84
CA LEU A 283 -3.09 22.13 -4.68
C LEU A 283 -3.02 22.53 -3.21
N ASP A 284 -3.46 21.65 -2.31
CA ASP A 284 -3.36 21.97 -0.90
C ASP A 284 -1.91 21.95 -0.41
N ARG A 285 -1.03 21.14 -1.03
CA ARG A 285 0.40 21.26 -0.76
C ARG A 285 0.93 22.61 -1.17
N VAL A 286 0.57 23.08 -2.37
CA VAL A 286 0.93 24.42 -2.80
C VAL A 286 0.40 25.45 -1.83
N ASP A 287 -0.85 25.28 -1.42
CA ASP A 287 -1.47 26.28 -0.56
C ASP A 287 -0.71 26.40 0.75
N GLN A 288 -0.37 25.26 1.35
CA GLN A 288 0.27 25.26 2.65
C GLN A 288 1.67 25.86 2.59
N LEU A 289 2.47 25.46 1.58
CA LEU A 289 3.73 26.13 1.32
C LEU A 289 3.55 27.64 1.22
N ARG A 290 2.47 28.08 0.58
CA ARG A 290 2.23 29.50 0.43
C ARG A 290 2.00 30.16 1.79
N GLN A 291 1.24 29.50 2.66
CA GLN A 291 0.96 30.10 3.96
C GLN A 291 2.23 30.22 4.80
N LYS A 292 3.03 29.18 4.84
CA LYS A 292 4.26 29.16 5.63
C LYS A 292 5.42 29.92 4.99
N ASN A 293 5.24 30.51 3.81
CA ASN A 293 6.32 31.23 3.13
C ASN A 293 5.73 32.40 2.34
N GLU A 294 5.14 33.37 3.05
CA GLU A 294 4.42 34.44 2.38
C GLU A 294 5.34 35.20 1.44
N GLY A 295 4.92 35.31 0.18
CA GLY A 295 5.73 35.95 -0.84
C GLY A 295 6.40 34.98 -1.79
N ILE A 296 7.03 33.93 -1.25
CA ILE A 296 7.97 33.08 -1.99
C ILE A 296 7.40 32.56 -3.31
N LEU A 297 6.10 32.30 -3.37
CA LEU A 297 5.55 31.62 -4.54
C LEU A 297 4.75 32.54 -5.46
N ASP A 298 4.81 33.86 -5.25
CA ASP A 298 3.95 34.75 -6.04
C ASP A 298 4.27 34.67 -7.52
N ASP A 299 5.54 34.46 -7.87
CA ASP A 299 5.93 34.25 -9.27
C ASP A 299 5.22 33.07 -9.93
N LEU A 300 4.64 32.14 -9.16
CA LEU A 300 3.99 30.99 -9.74
C LEU A 300 2.49 31.19 -9.95
N ILE A 301 1.99 32.42 -9.83
CA ILE A 301 0.54 32.63 -9.81
C ILE A 301 -0.10 32.22 -11.13
N MET A 302 0.55 32.55 -12.25
CA MET A 302 -0.02 32.22 -13.56
C MET A 302 0.04 30.71 -13.84
N GLU A 303 0.95 30.00 -13.19
CA GLU A 303 0.96 28.54 -13.29
C GLU A 303 -0.20 27.94 -12.51
N ILE A 304 -0.46 28.44 -11.30
CA ILE A 304 -1.67 28.09 -10.57
C ILE A 304 -2.89 28.26 -11.47
N LEU A 305 -2.99 29.43 -12.12
CA LEU A 305 -4.19 29.72 -12.89
C LEU A 305 -4.33 28.77 -14.09
N ARG A 306 -3.23 28.19 -14.59
CA ARG A 306 -3.34 27.17 -15.63
C ARG A 306 -4.21 26.00 -15.17
N VAL A 307 -4.23 25.70 -13.87
CA VAL A 307 -5.04 24.60 -13.37
C VAL A 307 -6.52 24.83 -13.67
N LEU A 308 -6.93 26.09 -13.93
CA LEU A 308 -8.33 26.42 -14.22
C LEU A 308 -8.86 25.72 -15.47
N SER A 309 -7.98 25.24 -16.34
CA SER A 309 -8.43 24.45 -17.45
C SER A 309 -8.79 23.01 -17.06
N SER A 310 -8.93 22.74 -15.78
CA SER A 310 -9.61 21.53 -15.36
C SER A 310 -11.12 21.76 -15.32
N PRO A 311 -11.94 20.88 -15.92
CA PRO A 311 -13.39 21.11 -15.95
C PRO A 311 -14.07 20.99 -14.59
N ASP A 312 -13.36 20.60 -13.55
CA ASP A 312 -13.99 20.35 -12.28
C ASP A 312 -14.15 21.65 -11.48
N ILE A 313 -15.34 21.85 -10.91
CA ILE A 313 -15.62 23.08 -10.17
C ILE A 313 -14.86 23.13 -8.85
N ASP A 314 -14.58 21.98 -8.24
CA ASP A 314 -13.84 22.01 -6.98
C ASP A 314 -12.38 22.36 -7.22
N VAL A 315 -11.79 21.77 -8.26
CA VAL A 315 -10.43 22.12 -8.66
C VAL A 315 -10.35 23.59 -9.02
N ARG A 316 -11.33 24.07 -9.82
CA ARG A 316 -11.35 25.47 -10.20
C ARG A 316 -11.47 26.38 -9.00
N ARG A 317 -12.34 26.04 -8.06
CA ARG A 317 -12.50 26.88 -6.89
C ARG A 317 -11.21 26.94 -6.08
N LYS A 318 -10.57 25.79 -5.87
CA LYS A 318 -9.37 25.79 -5.05
C LYS A 318 -8.25 26.60 -5.69
N ALA A 319 -8.05 26.40 -7.00
CA ALA A 319 -7.02 27.15 -7.71
C ALA A 319 -7.24 28.65 -7.57
N LEU A 320 -8.49 29.12 -7.72
CA LEU A 320 -8.77 30.55 -7.64
C LEU A 320 -8.50 31.09 -6.25
N GLU A 321 -8.84 30.31 -5.21
CA GLU A 321 -8.61 30.79 -3.85
C GLU A 321 -7.13 31.03 -3.61
N ILE A 322 -6.32 30.06 -3.98
CA ILE A 322 -4.87 30.18 -3.81
C ILE A 322 -4.34 31.35 -4.62
N ALA A 323 -4.82 31.48 -5.86
CA ALA A 323 -4.39 32.59 -6.70
C ALA A 323 -4.78 33.94 -6.09
N LEU A 324 -6.03 34.08 -5.66
CA LEU A 324 -6.48 35.35 -5.10
C LEU A 324 -5.69 35.74 -3.86
N GLU A 325 -5.23 34.76 -3.08
CA GLU A 325 -4.37 35.02 -1.95
C GLU A 325 -2.96 35.41 -2.36
N MET A 326 -2.62 35.34 -3.64
CA MET A 326 -1.33 35.81 -4.11
C MET A 326 -1.43 37.05 -4.99
N VAL A 327 -2.65 37.47 -5.36
CA VAL A 327 -2.80 38.66 -6.18
C VAL A 327 -2.18 39.83 -5.47
N SER A 328 -1.21 40.47 -6.13
CA SER A 328 -0.61 41.72 -5.68
C SER A 328 -0.76 42.76 -6.79
N SER A 329 -0.38 44.00 -6.46
CA SER A 329 -0.48 45.08 -7.43
C SER A 329 0.34 44.76 -8.68
N LYS A 330 1.48 44.10 -8.49
CA LYS A 330 2.38 43.79 -9.61
C LYS A 330 1.68 42.92 -10.66
N ASN A 331 0.80 42.02 -10.23
CA ASN A 331 0.27 41.01 -11.14
C ASN A 331 -1.24 41.06 -11.30
N VAL A 332 -1.94 42.00 -10.65
CA VAL A 332 -3.40 41.94 -10.62
C VAL A 332 -3.99 42.11 -12.01
N GLU A 333 -3.44 43.02 -12.81
CA GLU A 333 -3.95 43.25 -14.16
C GLU A 333 -3.76 42.02 -15.05
N GLU A 334 -2.58 41.41 -15.00
CA GLU A 334 -2.33 40.17 -15.75
C GLU A 334 -3.29 39.07 -15.29
N VAL A 335 -3.63 39.07 -14.01
CA VAL A 335 -4.51 38.04 -13.47
C VAL A 335 -5.95 38.29 -13.92
N VAL A 336 -6.38 39.55 -13.86
CA VAL A 336 -7.76 39.86 -14.24
C VAL A 336 -7.97 39.61 -15.72
N LEU A 337 -6.97 39.93 -16.55
CA LEU A 337 -7.09 39.62 -17.98
C LEU A 337 -7.28 38.13 -18.21
N LEU A 338 -6.56 37.29 -17.47
CA LEU A 338 -6.76 35.86 -17.58
C LEU A 338 -8.19 35.47 -17.14
N LEU A 339 -8.65 36.02 -16.01
CA LEU A 339 -9.97 35.64 -15.51
C LEU A 339 -11.04 35.99 -16.55
N LYS A 340 -10.97 37.21 -17.10
CA LYS A 340 -11.91 37.63 -18.13
C LYS A 340 -11.86 36.71 -19.34
N LYS A 341 -10.65 36.27 -19.70
CA LYS A 341 -10.51 35.40 -20.86
C LYS A 341 -11.16 34.05 -20.59
N GLU A 342 -11.00 33.55 -19.37
CA GLU A 342 -11.76 32.39 -18.95
C GLU A 342 -13.27 32.68 -19.01
N LEU A 343 -13.68 33.82 -18.44
CA LEU A 343 -15.08 34.19 -18.45
C LEU A 343 -15.63 34.22 -19.88
N SER A 344 -14.91 34.84 -20.81
CA SER A 344 -15.35 34.83 -22.21
C SER A 344 -15.51 33.41 -22.73
N LYS A 345 -14.61 32.50 -22.33
CA LYS A 345 -14.71 31.14 -22.85
C LYS A 345 -15.94 30.43 -22.31
N THR A 346 -16.40 30.78 -21.10
CA THR A 346 -17.61 30.11 -20.59
C THR A 346 -18.85 30.49 -21.38
N VAL A 347 -18.81 31.60 -22.12
CA VAL A 347 -19.95 31.95 -22.94
C VAL A 347 -19.98 31.13 -24.21
N GLU A 348 -18.81 30.74 -24.72
CA GLU A 348 -18.73 29.98 -25.97
C GLU A 348 -18.70 28.48 -25.75
N GLN A 349 -18.03 28.01 -24.70
CA GLN A 349 -17.77 26.59 -24.52
C GLN A 349 -18.54 26.07 -23.32
N GLU A 350 -19.46 25.14 -23.58
CA GLU A 350 -20.13 24.38 -22.53
C GLU A 350 -20.90 25.32 -21.60
N TYR A 351 -21.69 26.19 -22.23
CA TYR A 351 -22.33 27.28 -21.51
C TYR A 351 -23.06 26.80 -20.28
N GLU A 352 -23.76 25.67 -20.39
CA GLU A 352 -24.58 25.22 -19.28
C GLU A 352 -23.73 24.67 -18.15
N LYS A 353 -22.79 23.77 -18.47
CA LYS A 353 -21.93 23.22 -17.43
C LYS A 353 -21.10 24.28 -16.73
N ASN A 354 -20.83 25.41 -17.40
CA ASN A 354 -19.92 26.40 -16.84
C ASN A 354 -20.60 27.46 -16.01
N SER A 355 -21.91 27.35 -15.80
CA SER A 355 -22.67 28.37 -15.06
C SER A 355 -22.06 28.66 -13.70
N GLU A 356 -21.76 27.61 -12.93
CA GLU A 356 -21.20 27.83 -11.60
C GLU A 356 -19.83 28.48 -11.70
N TYR A 357 -18.99 27.99 -12.61
CA TYR A 357 -17.66 28.52 -12.80
C TYR A 357 -17.70 29.98 -13.22
N ARG A 358 -18.60 30.29 -14.16
CA ARG A 358 -18.77 31.66 -14.65
C ARG A 358 -19.10 32.63 -13.50
N GLN A 359 -20.02 32.26 -12.63
CA GLN A 359 -20.31 33.08 -11.46
C GLN A 359 -19.10 33.19 -10.56
N LEU A 360 -18.33 32.11 -10.45
CA LEU A 360 -17.14 32.16 -9.62
C LEU A 360 -16.10 33.11 -10.22
N LEU A 361 -15.98 33.13 -11.55
CA LEU A 361 -15.08 34.07 -12.22
C LEU A 361 -15.52 35.51 -11.98
N ILE A 362 -16.81 35.80 -12.17
CA ILE A 362 -17.30 37.15 -11.95
C ILE A 362 -16.99 37.58 -10.54
N HIS A 363 -17.16 36.65 -9.60
CA HIS A 363 -16.92 36.98 -8.20
C HIS A 363 -15.44 37.23 -7.95
N SER A 364 -14.57 36.34 -8.46
CA SER A 364 -13.14 36.54 -8.27
C SER A 364 -12.67 37.84 -8.89
N ILE A 365 -13.17 38.17 -10.09
CA ILE A 365 -12.80 39.45 -10.71
C ILE A 365 -13.24 40.62 -9.83
N HIS A 366 -14.44 40.53 -9.26
CA HIS A 366 -14.91 41.56 -8.34
C HIS A 366 -14.01 41.65 -7.11
N GLN A 367 -13.52 40.50 -6.61
CA GLN A 367 -12.55 40.50 -5.52
C GLN A 367 -11.32 41.32 -5.88
N CYS A 368 -10.76 41.07 -7.05
CA CYS A 368 -9.57 41.79 -7.48
C CYS A 368 -9.78 43.28 -7.50
N ALA A 369 -11.00 43.73 -7.82
CA ALA A 369 -11.29 45.16 -7.82
C ALA A 369 -11.28 45.71 -6.40
N VAL A 370 -11.80 44.95 -5.44
CA VAL A 370 -11.93 45.45 -4.08
C VAL A 370 -10.58 45.54 -3.40
N LYS A 371 -9.73 44.52 -3.61
CA LYS A 371 -8.38 44.50 -3.08
C LYS A 371 -7.55 45.70 -3.53
N PHE A 372 -8.00 46.39 -4.59
CA PHE A 372 -7.25 47.53 -5.14
C PHE A 372 -8.19 48.66 -5.59
N VAL B 2 2.81 3.87 3.90
CA VAL B 2 2.50 2.50 3.57
C VAL B 2 1.06 2.18 3.86
N VAL B 3 0.61 1.09 3.28
CA VAL B 3 -0.75 0.69 3.50
C VAL B 3 -0.82 -0.30 4.62
N LEU B 4 -1.39 0.13 5.71
CA LEU B 4 -1.47 -0.73 6.86
C LEU B 4 -2.53 -1.76 6.68
N ALA B 5 -3.62 -1.41 6.02
CA ALA B 5 -4.71 -2.37 5.92
C ALA B 5 -5.68 -1.96 4.81
N ALA B 6 -6.45 -2.94 4.36
CA ALA B 6 -7.51 -2.67 3.38
C ALA B 6 -8.84 -3.18 3.90
N SER B 7 -9.92 -2.48 3.54
CA SER B 7 -11.22 -2.97 3.94
C SER B 7 -12.28 -2.56 2.93
N ILE B 8 -13.23 -3.46 2.73
CA ILE B 8 -14.49 -3.13 2.10
C ILE B 8 -15.50 -3.00 3.22
N CYS B 9 -16.17 -1.84 3.33
CA CYS B 9 -17.04 -1.68 4.48
C CYS B 9 -18.29 -0.90 4.12
N THR B 10 -19.24 -0.91 5.07
CA THR B 10 -20.53 -0.28 4.91
C THR B 10 -20.39 1.23 5.11
N ARG B 11 -21.39 1.97 4.66
CA ARG B 11 -21.32 3.41 4.87
C ARG B 11 -21.48 3.78 6.33
N GLY B 12 -21.89 2.82 7.17
CA GLY B 12 -21.99 2.98 8.60
C GLY B 12 -20.78 2.58 9.41
N GLY B 13 -19.70 2.17 8.76
CA GLY B 13 -18.46 1.86 9.45
C GLY B 13 -18.23 0.40 9.80
N LYS B 14 -19.00 -0.52 9.24
CA LYS B 14 -18.87 -1.95 9.52
C LYS B 14 -18.08 -2.64 8.41
N ALA B 15 -17.10 -3.44 8.80
CA ALA B 15 -16.25 -4.11 7.82
C ALA B 15 -16.98 -5.30 7.24
N VAL B 16 -17.01 -5.37 5.91
CA VAL B 16 -17.45 -6.59 5.24
C VAL B 16 -16.28 -7.55 5.12
N LEU B 17 -15.15 -7.07 4.66
CA LEU B 17 -13.90 -7.77 4.90
C LEU B 17 -12.86 -6.74 5.27
N ALA B 18 -11.85 -7.22 5.99
CA ALA B 18 -10.76 -6.38 6.45
C ALA B 18 -9.51 -7.21 6.34
N ARG B 19 -8.43 -6.61 5.86
CA ARG B 19 -7.15 -7.30 5.74
C ARG B 19 -6.05 -6.37 6.21
N ALA B 20 -5.44 -6.73 7.33
CA ALA B 20 -4.29 -6.00 7.87
C ALA B 20 -3.02 -6.44 7.17
N PHE B 21 -2.28 -5.50 6.62
CA PHE B 21 -1.01 -5.86 6.00
C PHE B 21 0.19 -5.66 6.91
N HIS B 22 0.15 -4.67 7.80
CA HIS B 22 1.39 -4.23 8.43
C HIS B 22 1.10 -3.46 9.70
N ASP B 23 1.68 -3.93 10.82
CA ASP B 23 1.79 -3.18 12.07
C ASP B 23 0.43 -2.78 12.64
N ILE B 24 -0.60 -3.59 12.39
CA ILE B 24 -1.93 -3.27 12.88
C ILE B 24 -2.71 -4.57 13.02
N LYS B 25 -3.41 -4.68 14.15
CA LYS B 25 -4.34 -5.78 14.37
C LYS B 25 -5.68 -5.49 13.69
N ARG B 26 -6.36 -6.56 13.27
CA ARG B 26 -7.65 -6.41 12.60
C ARG B 26 -8.68 -5.76 13.53
N SER B 27 -8.67 -6.14 14.80
CA SER B 27 -9.55 -5.50 15.77
C SER B 27 -9.36 -3.99 15.79
N ARG B 28 -8.10 -3.53 15.68
CA ARG B 28 -7.85 -2.09 15.61
C ARG B 28 -8.38 -1.50 14.32
N VAL B 29 -8.27 -2.25 13.22
CA VAL B 29 -8.86 -1.86 11.95
C VAL B 29 -10.36 -1.64 12.11
N GLU B 30 -11.06 -2.63 12.66
CA GLU B 30 -12.52 -2.53 12.81
C GLU B 30 -12.89 -1.31 13.64
N ALA B 31 -12.06 -0.96 14.61
CA ALA B 31 -12.37 0.22 15.43
C ALA B 31 -12.17 1.51 14.65
N LEU B 32 -11.11 1.58 13.82
CA LEU B 32 -10.90 2.77 13.01
C LEU B 32 -12.04 2.97 12.03
N LEU B 33 -12.48 1.89 11.37
CA LEU B 33 -13.59 1.99 10.44
C LEU B 33 -14.86 2.46 11.13
N ALA B 34 -15.08 2.02 12.37
CA ALA B 34 -16.28 2.44 13.08
C ALA B 34 -16.38 3.96 13.20
N SER B 35 -15.25 4.64 13.33
CA SER B 35 -15.27 6.09 13.44
C SER B 35 -15.05 6.80 12.11
N PHE B 36 -14.82 6.04 11.05
CA PHE B 36 -14.55 6.54 9.71
C PHE B 36 -15.71 7.29 9.04
N PRO B 37 -16.96 6.84 9.15
CA PRO B 37 -18.02 7.46 8.34
C PRO B 37 -18.28 8.94 8.65
N LYS B 38 -18.04 9.40 9.88
CA LYS B 38 -18.30 10.81 10.16
C LYS B 38 -17.27 11.72 9.47
N ALA B 39 -16.02 11.26 9.34
CA ALA B 39 -15.04 12.03 8.59
C ALA B 39 -15.36 12.04 7.10
N ALA B 40 -15.86 10.93 6.56
CA ALA B 40 -15.99 10.77 5.12
C ALA B 40 -17.24 11.43 4.56
N ASN B 41 -18.33 11.41 5.33
CA ASN B 41 -19.61 11.91 4.85
C ASN B 41 -19.61 13.42 4.69
N SER B 42 -18.68 14.13 5.34
CA SER B 42 -18.53 15.56 5.11
C SER B 42 -17.79 15.80 3.80
N GLY B 43 -18.05 16.97 3.22
CA GLY B 43 -17.40 17.34 1.98
C GLY B 43 -15.96 17.80 2.17
N THR B 44 -15.30 17.30 3.23
CA THR B 44 -13.91 17.67 3.50
C THR B 44 -13.02 17.37 2.29
N GLN B 45 -12.87 16.10 1.95
CA GLN B 45 -12.37 15.66 0.65
C GLN B 45 -13.16 14.44 0.22
N HIS B 46 -13.12 14.17 -1.07
CA HIS B 46 -13.90 13.05 -1.61
C HIS B 46 -13.12 11.74 -1.60
N THR B 47 -11.84 11.76 -1.24
CA THR B 47 -10.98 10.60 -1.40
C THR B 47 -10.16 10.27 -0.17
N THR B 48 -9.90 11.24 0.70
CA THR B 48 -8.95 11.08 1.78
C THR B 48 -9.45 11.84 3.00
N VAL B 49 -9.35 11.21 4.17
CA VAL B 49 -9.58 11.88 5.44
C VAL B 49 -8.52 11.39 6.42
N GLU B 50 -8.08 12.29 7.28
CA GLU B 50 -7.13 11.96 8.33
C GLU B 50 -7.87 11.88 9.65
N GLN B 51 -7.69 10.78 10.36
CA GLN B 51 -8.21 10.65 11.71
C GLN B 51 -7.30 9.73 12.47
N ASP B 52 -7.24 9.93 13.78
CA ASP B 52 -6.18 9.35 14.61
C ASP B 52 -4.83 9.68 13.99
N ASN B 53 -3.89 8.74 14.04
CA ASN B 53 -2.60 8.91 13.38
C ASN B 53 -2.57 8.22 12.04
N VAL B 54 -3.71 8.11 11.37
CA VAL B 54 -3.81 7.45 10.09
C VAL B 54 -4.54 8.34 9.09
N ARG B 55 -4.47 7.93 7.82
CA ARG B 55 -5.21 8.52 6.74
C ARG B 55 -6.02 7.41 6.09
N PHE B 56 -7.28 7.69 5.78
CA PHE B 56 -8.14 6.80 5.00
C PHE B 56 -8.14 7.28 3.54
N VAL B 57 -7.75 6.40 2.62
CA VAL B 57 -7.89 6.63 1.18
C VAL B 57 -9.00 5.70 0.72
N TYR B 58 -10.05 6.26 0.12
CA TYR B 58 -11.28 5.50 -0.06
C TYR B 58 -12.06 5.98 -1.27
N GLN B 59 -12.85 5.07 -1.82
CA GLN B 59 -13.81 5.39 -2.86
C GLN B 59 -15.08 4.58 -2.66
N PRO B 60 -16.23 5.14 -3.06
CA PRO B 60 -17.47 4.36 -3.09
C PRO B 60 -17.31 3.11 -3.95
N LEU B 61 -17.87 2.01 -3.46
CA LEU B 61 -17.97 0.76 -4.20
C LEU B 61 -19.45 0.40 -4.22
N ASP B 62 -20.19 1.02 -5.14
CA ASP B 62 -21.66 0.96 -5.18
C ASP B 62 -22.15 1.51 -3.85
N GLU B 63 -22.86 0.74 -3.03
CA GLU B 63 -23.32 1.22 -1.73
C GLU B 63 -22.32 0.96 -0.62
N LEU B 64 -21.12 0.49 -0.96
CA LEU B 64 -20.10 0.20 0.02
C LEU B 64 -18.95 1.19 -0.13
N TYR B 65 -17.89 0.97 0.65
CA TYR B 65 -16.68 1.78 0.58
C TYR B 65 -15.53 0.83 0.40
N MET B 66 -14.60 1.20 -0.48
CA MET B 66 -13.29 0.54 -0.56
C MET B 66 -12.32 1.48 0.11
N VAL B 67 -11.63 0.97 1.14
CA VAL B 67 -10.88 1.81 2.08
C VAL B 67 -9.51 1.21 2.31
N LEU B 68 -8.46 2.01 2.06
CA LEU B 68 -7.10 1.76 2.55
C LEU B 68 -6.83 2.64 3.78
N ILE B 69 -6.24 2.01 4.80
CA ILE B 69 -5.67 2.73 5.94
C ILE B 69 -4.17 2.80 5.74
N THR B 70 -3.62 4.01 5.84
CA THR B 70 -2.20 4.27 5.69
C THR B 70 -1.73 5.15 6.82
N ASN B 71 -0.42 5.11 7.07
CA ASN B 71 0.23 6.10 7.93
C ASN B 71 0.17 7.47 7.26
N LYS B 72 0.28 8.51 8.08
CA LYS B 72 0.05 9.85 7.56
C LYS B 72 1.12 10.29 6.57
N GLN B 73 2.31 9.68 6.57
CA GLN B 73 3.37 10.11 5.67
C GLN B 73 3.42 9.31 4.37
N SER B 74 2.51 8.36 4.18
CA SER B 74 2.45 7.54 2.98
C SER B 74 2.28 8.39 1.71
N ASN B 75 2.89 7.92 0.62
CA ASN B 75 2.80 8.62 -0.67
C ASN B 75 1.37 8.52 -1.19
N ILE B 76 0.64 9.63 -1.14
CA ILE B 76 -0.80 9.60 -1.37
C ILE B 76 -1.12 9.32 -2.84
N LEU B 77 -0.36 9.93 -3.76
CA LEU B 77 -0.50 9.62 -5.19
C LEU B 77 -0.43 8.12 -5.43
N GLN B 78 0.58 7.47 -4.87
CA GLN B 78 0.67 6.03 -5.03
C GLN B 78 -0.53 5.32 -4.41
N ASP B 79 -0.96 5.75 -3.22
CA ASP B 79 -2.04 5.08 -2.52
C ASP B 79 -3.38 5.23 -3.23
N ILE B 80 -3.62 6.37 -3.89
CA ILE B 80 -4.85 6.45 -4.68
C ILE B 80 -4.80 5.45 -5.84
N ASP B 81 -3.62 5.29 -6.45
CA ASP B 81 -3.49 4.29 -7.51
C ASP B 81 -3.71 2.88 -6.99
N THR B 82 -3.13 2.55 -5.84
CA THR B 82 -3.41 1.27 -5.20
C THR B 82 -4.90 1.06 -5.01
N LEU B 83 -5.58 2.08 -4.50
CA LEU B 83 -7.00 1.97 -4.21
C LEU B 83 -7.78 1.64 -5.48
N HIS B 84 -7.47 2.34 -6.57
CA HIS B 84 -8.08 2.03 -7.85
C HIS B 84 -7.80 0.58 -8.23
N LEU B 85 -6.58 0.12 -8.02
CA LEU B 85 -6.26 -1.25 -8.40
C LEU B 85 -7.06 -2.25 -7.58
N PHE B 86 -7.11 -2.04 -6.25
CA PHE B 86 -7.97 -2.85 -5.39
C PHE B 86 -9.42 -2.83 -5.86
N ALA B 87 -9.93 -1.65 -6.19
CA ALA B 87 -11.32 -1.56 -6.63
C ALA B 87 -11.51 -2.32 -7.93
N GLN B 88 -10.54 -2.26 -8.83
CA GLN B 88 -10.65 -2.99 -10.09
C GLN B 88 -10.64 -4.49 -9.84
N VAL B 89 -9.83 -4.96 -8.89
CA VAL B 89 -9.85 -6.37 -8.53
C VAL B 89 -11.24 -6.79 -8.08
N VAL B 90 -11.79 -6.04 -7.12
CA VAL B 90 -13.07 -6.43 -6.52
C VAL B 90 -14.14 -6.53 -7.58
N THR B 91 -14.20 -5.56 -8.48
CA THR B 91 -15.24 -5.61 -9.48
C THR B 91 -15.02 -6.76 -10.44
N ASN B 92 -13.77 -7.03 -10.82
CA ASN B 92 -13.51 -8.12 -11.75
C ASN B 92 -13.79 -9.49 -11.12
N THR B 93 -13.74 -9.58 -9.80
CA THR B 93 -13.84 -10.85 -9.09
C THR B 93 -15.26 -11.19 -8.66
N CYS B 94 -16.04 -10.19 -8.27
CA CYS B 94 -17.42 -10.42 -7.82
C CYS B 94 -18.38 -10.14 -8.96
N ARG B 95 -19.42 -10.96 -9.11
CA ARG B 95 -20.35 -10.73 -10.19
C ARG B 95 -21.08 -9.42 -9.98
N THR B 96 -21.43 -9.14 -8.74
CA THR B 96 -22.06 -7.89 -8.37
C THR B 96 -21.28 -7.27 -7.24
N LEU B 97 -21.55 -5.99 -6.94
CA LEU B 97 -20.90 -5.35 -5.81
C LEU B 97 -21.80 -5.29 -4.58
N GLU B 98 -22.76 -6.21 -4.47
CA GLU B 98 -23.56 -6.34 -3.26
C GLU B 98 -22.74 -6.96 -2.15
N GLU B 99 -23.09 -6.57 -0.91
CA GLU B 99 -22.37 -7.06 0.26
C GLU B 99 -22.28 -8.57 0.26
N ARG B 100 -23.42 -9.24 0.02
CA ARG B 100 -23.45 -10.69 0.05
C ARG B 100 -22.47 -11.27 -0.96
N GLU B 101 -22.41 -10.72 -2.17
CA GLU B 101 -21.52 -11.26 -3.18
C GLU B 101 -20.06 -11.04 -2.81
N ILE B 102 -19.70 -9.86 -2.31
CA ILE B 102 -18.34 -9.65 -1.81
C ILE B 102 -18.01 -10.70 -0.76
N LEU B 103 -18.89 -10.87 0.24
CA LEU B 103 -18.69 -11.90 1.25
C LEU B 103 -18.47 -13.29 0.65
N ARG B 104 -19.13 -13.61 -0.46
CA ARG B 104 -18.92 -14.89 -1.11
C ARG B 104 -17.48 -15.03 -1.64
N ASN B 105 -16.89 -13.94 -2.12
CA ASN B 105 -15.56 -13.98 -2.70
C ASN B 105 -14.50 -13.47 -1.73
N ALA B 106 -14.80 -13.48 -0.43
CA ALA B 106 -14.00 -12.75 0.55
C ALA B 106 -12.57 -13.24 0.59
N TYR B 107 -12.39 -14.56 0.74
CA TYR B 107 -11.05 -15.09 0.95
C TYR B 107 -10.24 -15.08 -0.35
N GLU B 108 -10.94 -15.19 -1.48
CA GLU B 108 -10.29 -14.92 -2.76
C GLU B 108 -9.83 -13.47 -2.85
N LEU B 109 -10.67 -12.54 -2.38
CA LEU B 109 -10.32 -11.11 -2.43
C LEU B 109 -9.10 -10.81 -1.56
N ILE B 110 -9.02 -11.44 -0.39
CA ILE B 110 -7.88 -11.22 0.49
C ILE B 110 -6.60 -11.78 -0.11
N SER B 111 -6.67 -12.99 -0.69
CA SER B 111 -5.51 -13.55 -1.34
C SER B 111 -5.01 -12.68 -2.48
N ALA B 112 -5.91 -12.01 -3.19
CA ALA B 112 -5.49 -11.11 -4.24
C ALA B 112 -4.82 -9.87 -3.65
N PHE B 113 -5.42 -9.34 -2.57
CA PHE B 113 -4.86 -8.16 -1.91
C PHE B 113 -3.43 -8.44 -1.46
N ASP B 114 -3.17 -9.64 -0.96
CA ASP B 114 -1.84 -10.03 -0.53
C ASP B 114 -0.84 -10.12 -1.69
N GLU B 115 -1.31 -10.27 -2.94
CA GLU B 115 -0.39 -10.21 -4.07
C GLU B 115 0.12 -8.79 -4.30
N ILE B 116 -0.71 -7.80 -3.95
CA ILE B 116 -0.44 -6.40 -4.25
C ILE B 116 0.42 -5.75 -3.18
N ILE B 117 0.06 -5.95 -1.92
CA ILE B 117 0.74 -5.34 -0.79
C ILE B 117 1.33 -6.45 0.06
N ASN B 118 2.61 -6.35 0.37
CA ASN B 118 3.22 -7.16 1.40
C ASN B 118 3.94 -6.22 2.35
N LEU B 119 3.56 -6.27 3.63
CA LEU B 119 4.19 -5.44 4.66
C LEU B 119 4.03 -3.95 4.38
N GLY B 120 2.95 -3.56 3.70
CA GLY B 120 2.66 -2.17 3.43
C GLY B 120 3.14 -1.68 2.07
N TYR B 121 4.11 -2.35 1.46
CA TYR B 121 4.66 -1.90 0.18
C TYR B 121 3.91 -2.53 -0.98
N ARG B 122 3.95 -1.85 -2.10
CA ARG B 122 3.14 -2.27 -3.23
C ARG B 122 4.02 -2.72 -4.39
N GLU B 123 3.45 -3.60 -5.20
CA GLU B 123 4.04 -4.00 -6.46
C GLU B 123 3.21 -3.39 -7.59
N ASN B 124 3.88 -2.91 -8.63
CA ASN B 124 3.20 -2.39 -9.82
C ASN B 124 2.76 -3.57 -10.67
N LEU B 125 1.66 -4.19 -10.25
CA LEU B 125 1.13 -5.36 -10.94
C LEU B 125 -0.07 -4.97 -11.78
N THR B 126 -0.21 -5.61 -12.93
CA THR B 126 -1.45 -5.53 -13.69
C THR B 126 -2.47 -6.55 -13.18
N ILE B 127 -3.74 -6.30 -13.48
CA ILE B 127 -4.76 -7.27 -13.11
C ILE B 127 -4.43 -8.63 -13.70
N ASN B 128 -3.83 -8.66 -14.89
CA ASN B 128 -3.43 -9.93 -15.49
C ASN B 128 -2.35 -10.65 -14.69
N GLN B 129 -1.32 -9.93 -14.25
CA GLN B 129 -0.31 -10.55 -13.41
C GLN B 129 -0.93 -11.07 -12.12
N ILE B 130 -1.84 -10.30 -11.53
CA ILE B 130 -2.49 -10.74 -10.31
C ILE B 130 -3.26 -12.04 -10.57
N LYS B 131 -4.02 -12.07 -11.68
CA LYS B 131 -4.73 -13.28 -12.07
C LYS B 131 -3.76 -14.43 -12.29
N THR B 132 -2.62 -14.12 -12.88
CA THR B 132 -1.63 -15.13 -13.11
C THR B 132 -1.06 -15.70 -11.85
N PHE B 133 -0.66 -14.80 -10.89
CA PHE B 133 -0.17 -15.23 -9.59
C PHE B 133 -1.19 -16.13 -8.91
N LEU B 134 -2.45 -15.73 -8.89
CA LEU B 134 -3.45 -16.49 -8.16
C LEU B 134 -3.68 -17.86 -8.78
N GLU B 135 -3.41 -18.01 -10.06
CA GLU B 135 -3.57 -19.31 -10.68
C GLU B 135 -2.55 -20.31 -10.20
N MET B 136 -1.39 -19.81 -9.81
CA MET B 136 -0.30 -20.62 -9.28
C MET B 136 0.18 -21.76 -10.16
N GLU B 137 0.32 -21.51 -11.45
CA GLU B 137 0.81 -22.56 -12.32
C GLU B 137 2.32 -22.44 -12.33
N SER B 138 3.00 -23.51 -11.97
CA SER B 138 4.46 -23.50 -11.91
C SER B 138 5.12 -24.52 -12.83
N HIS B 139 6.03 -24.06 -13.66
CA HIS B 139 6.72 -25.00 -14.53
C HIS B 139 7.55 -25.96 -13.72
N GLU B 140 8.27 -25.46 -12.72
CA GLU B 140 9.07 -26.35 -11.88
C GLU B 140 8.21 -27.47 -11.29
N GLU B 141 7.08 -27.11 -10.70
CA GLU B 141 6.23 -28.12 -10.07
C GLU B 141 5.80 -29.18 -11.07
N ARG B 142 5.32 -28.75 -12.24
CA ARG B 142 4.92 -29.70 -13.28
C ARG B 142 6.10 -30.55 -13.75
N ILE B 143 7.29 -29.96 -13.78
CA ILE B 143 8.44 -30.70 -14.28
C ILE B 143 8.96 -31.65 -13.22
N GLN B 144 8.78 -31.34 -11.94
CA GLN B 144 9.32 -32.20 -10.89
C GLN B 144 8.51 -33.47 -10.76
N GLU B 145 7.19 -33.38 -10.88
CA GLU B 145 6.36 -34.58 -10.83
C GLU B 145 6.63 -35.51 -12.01
N ILE B 146 7.05 -34.96 -13.15
CA ILE B 146 7.41 -35.79 -14.29
C ILE B 146 8.78 -36.41 -14.09
N ILE B 147 9.73 -35.65 -13.54
CA ILE B 147 11.01 -36.24 -13.12
C ILE B 147 10.76 -37.28 -12.04
N ALA B 148 9.76 -37.04 -11.18
CA ALA B 148 9.39 -38.02 -10.16
C ALA B 148 8.91 -39.33 -10.78
N ARG B 149 7.85 -39.27 -11.58
CA ARG B 149 7.36 -40.50 -12.22
C ARG B 149 8.43 -41.17 -13.06
N ASN B 150 9.39 -40.37 -13.56
CA ASN B 150 10.53 -40.91 -14.31
C ASN B 150 11.26 -41.98 -13.49
N LYS B 151 11.76 -41.61 -12.32
CA LYS B 151 12.50 -42.54 -11.48
C LYS B 151 11.61 -43.70 -10.99
#